data_2YWW
#
_entry.id   2YWW
#
_cell.length_a   51.003
_cell.length_b   71.398
_cell.length_c   92.975
_cell.angle_alpha   90.00
_cell.angle_beta   90.00
_cell.angle_gamma   90.00
#
_symmetry.space_group_name_H-M   'P 21 21 21'
#
loop_
_entity.id
_entity.type
_entity.pdbx_description
1 polymer 'Aspartate carbamoyltransferase regulatory chain'
2 non-polymer 'ZINC ION'
3 non-polymer "ADENOSINE-5'-TRIPHOSPHATE"
4 water water
#
_entity_poly.entity_id   1
_entity_poly.type   'polypeptide(L)'
_entity_poly.pdbx_seq_one_letter_code
;MIPMEELKVKKITNGTVIDHIDAGKALMVFKVLNVPKETSVMIAINVPSKKKGKKDILKIEGIELKKEDVDKISLISPDV
TINIIRNGKVVEKLKPQIPDEIEGTLKCTNPNCITNKEKVRGKFKIESKNPLKIRCYYCEKFLNEVIFE
;
_entity_poly.pdbx_strand_id   A,B
#
# COMPACT_ATOMS: atom_id res chain seq x y z
N LYS A 8 -15.87 8.65 -16.79
CA LYS A 8 -14.41 8.50 -17.03
C LYS A 8 -13.91 7.19 -16.42
N VAL A 9 -14.12 7.03 -15.11
CA VAL A 9 -13.70 5.83 -14.41
C VAL A 9 -14.91 5.11 -13.81
N LYS A 10 -14.76 3.83 -13.54
CA LYS A 10 -15.84 3.03 -12.99
C LYS A 10 -16.14 3.44 -11.55
N LYS A 11 -17.41 3.77 -11.29
CA LYS A 11 -17.82 4.18 -9.96
C LYS A 11 -18.14 2.95 -9.10
N ILE A 12 -18.28 3.19 -7.79
CA ILE A 12 -18.63 2.12 -6.87
C ILE A 12 -20.14 1.96 -7.01
N THR A 13 -20.61 0.72 -7.10
CA THR A 13 -22.05 0.46 -7.22
C THR A 13 -22.60 0.25 -5.83
N ASN A 14 -21.98 -0.68 -5.11
CA ASN A 14 -22.34 -0.98 -3.74
C ASN A 14 -21.05 -1.20 -2.96
N GLY A 15 -20.90 -0.46 -1.86
CA GLY A 15 -19.70 -0.60 -1.06
C GLY A 15 -19.48 0.61 -0.15
N THR A 16 -18.21 0.97 0.02
CA THR A 16 -17.86 2.09 0.89
C THR A 16 -16.76 2.99 0.34
N VAL A 17 -16.93 4.29 0.57
CA VAL A 17 -15.93 5.27 0.16
C VAL A 17 -15.48 5.94 1.46
N ILE A 18 -14.26 5.64 1.89
CA ILE A 18 -13.72 6.25 3.10
C ILE A 18 -12.98 7.47 2.59
N ASP A 19 -13.59 8.63 2.83
CA ASP A 19 -13.06 9.90 2.38
C ASP A 19 -12.40 10.68 3.51
N HIS A 20 -11.64 11.70 3.14
CA HIS A 20 -10.96 12.58 4.10
C HIS A 20 -9.95 11.88 5.01
N ILE A 21 -9.24 10.89 4.46
CA ILE A 21 -8.20 10.19 5.20
C ILE A 21 -7.00 11.14 5.20
N ASP A 22 -6.25 11.20 6.30
CA ASP A 22 -5.10 12.08 6.33
C ASP A 22 -4.12 11.62 5.23
N ALA A 23 -3.53 12.59 4.53
CA ALA A 23 -2.60 12.29 3.47
C ALA A 23 -1.55 11.24 3.86
N GLY A 24 -1.34 10.26 2.97
CA GLY A 24 -0.36 9.22 3.23
C GLY A 24 -0.80 8.11 4.18
N LYS A 25 -2.04 8.16 4.67
CA LYS A 25 -2.51 7.14 5.60
C LYS A 25 -3.47 6.08 5.03
N ALA A 26 -3.90 6.24 3.78
CA ALA A 26 -4.83 5.28 3.20
C ALA A 26 -4.33 3.84 3.22
N LEU A 27 -3.05 3.63 2.94
CA LEU A 27 -2.50 2.27 2.93
C LEU A 27 -2.56 1.62 4.30
N MET A 28 -2.30 2.41 5.34
CA MET A 28 -2.36 1.89 6.70
C MET A 28 -3.82 1.52 7.00
N VAL A 29 -4.75 2.38 6.59
CA VAL A 29 -6.16 2.13 6.81
C VAL A 29 -6.59 0.86 6.09
N PHE A 30 -6.16 0.73 4.83
CA PHE A 30 -6.50 -0.44 4.04
C PHE A 30 -5.95 -1.70 4.70
N LYS A 31 -4.74 -1.63 5.20
CA LYS A 31 -4.12 -2.78 5.84
C LYS A 31 -4.92 -3.24 7.06
N VAL A 32 -5.36 -2.31 7.90
CA VAL A 32 -6.11 -2.69 9.10
C VAL A 32 -7.45 -3.30 8.78
N LEU A 33 -8.06 -2.87 7.68
CA LEU A 33 -9.37 -3.40 7.29
C LEU A 33 -9.24 -4.87 6.89
N ASN A 34 -8.09 -5.23 6.33
CA ASN A 34 -7.83 -6.60 5.91
C ASN A 34 -9.03 -7.19 5.14
N VAL A 35 -9.29 -6.62 3.96
CA VAL A 35 -10.39 -7.08 3.12
C VAL A 35 -10.02 -8.34 2.33
N PRO A 36 -11.03 -9.13 1.92
CA PRO A 36 -10.76 -10.36 1.15
C PRO A 36 -9.85 -10.04 -0.04
N LYS A 37 -9.01 -11.01 -0.38
CA LYS A 37 -8.05 -10.86 -1.47
C LYS A 37 -8.63 -10.43 -2.81
N GLU A 38 -9.82 -10.90 -3.15
CA GLU A 38 -10.39 -10.54 -4.44
C GLU A 38 -11.19 -9.25 -4.47
N THR A 39 -11.21 -8.52 -3.35
CA THR A 39 -11.95 -7.27 -3.28
C THR A 39 -11.45 -6.20 -4.26
N SER A 40 -12.39 -5.60 -4.98
CA SER A 40 -12.04 -4.54 -5.91
C SER A 40 -11.89 -3.25 -5.10
N VAL A 41 -10.77 -2.55 -5.30
CA VAL A 41 -10.48 -1.33 -4.54
C VAL A 41 -9.82 -0.20 -5.35
N MET A 42 -10.07 1.04 -4.94
CA MET A 42 -9.46 2.21 -5.57
C MET A 42 -8.86 3.03 -4.44
N ILE A 43 -7.57 3.29 -4.50
CA ILE A 43 -6.92 4.06 -3.46
C ILE A 43 -6.31 5.32 -4.07
N ALA A 44 -6.71 6.47 -3.54
CA ALA A 44 -6.17 7.76 -4.02
C ALA A 44 -5.25 8.28 -2.92
N ILE A 45 -4.00 8.55 -3.26
CA ILE A 45 -3.03 9.02 -2.28
C ILE A 45 -2.50 10.41 -2.56
N ASN A 46 -2.54 11.26 -1.53
CA ASN A 46 -2.06 12.63 -1.64
C ASN A 46 -2.71 13.41 -2.76
N VAL A 47 -4.04 13.42 -2.78
CA VAL A 47 -4.78 14.15 -3.79
C VAL A 47 -5.36 15.42 -3.18
N PRO A 48 -5.73 16.39 -4.03
CA PRO A 48 -6.31 17.66 -3.59
C PRO A 48 -7.51 17.49 -2.66
N SER A 49 -7.69 18.45 -1.78
CA SER A 49 -8.81 18.45 -0.86
C SER A 49 -9.03 19.88 -0.38
N LYS A 50 -10.22 20.41 -0.60
CA LYS A 50 -10.54 21.76 -0.15
C LYS A 50 -10.50 21.78 1.38
N LYS A 51 -11.16 20.78 1.97
CA LYS A 51 -11.23 20.68 3.42
C LYS A 51 -9.87 20.48 4.09
N LYS A 52 -9.03 19.60 3.53
CA LYS A 52 -7.74 19.30 4.15
C LYS A 52 -6.48 19.66 3.36
N GLY A 53 -6.62 20.32 2.22
CA GLY A 53 -5.44 20.67 1.44
C GLY A 53 -4.99 19.47 0.62
N LYS A 54 -4.62 18.39 1.31
CA LYS A 54 -4.20 17.14 0.70
C LYS A 54 -4.88 16.03 1.50
N LYS A 55 -5.19 14.92 0.85
CA LYS A 55 -5.86 13.80 1.52
C LYS A 55 -5.74 12.51 0.72
N ASP A 56 -6.22 11.44 1.32
CA ASP A 56 -6.25 10.12 0.70
C ASP A 56 -7.73 9.73 0.68
N ILE A 57 -8.09 8.83 -0.22
CA ILE A 57 -9.46 8.34 -0.34
C ILE A 57 -9.36 6.84 -0.57
N LEU A 58 -10.23 6.07 0.09
CA LEU A 58 -10.23 4.63 -0.06
C LEU A 58 -11.62 4.21 -0.49
N LYS A 59 -11.73 3.61 -1.69
CA LYS A 59 -13.02 3.18 -2.19
C LYS A 59 -13.02 1.66 -2.34
N ILE A 60 -13.97 1.02 -1.65
CA ILE A 60 -14.10 -0.43 -1.64
C ILE A 60 -15.45 -0.91 -2.15
N GLU A 61 -15.41 -1.77 -3.17
CA GLU A 61 -16.63 -2.32 -3.76
C GLU A 61 -17.07 -3.59 -3.03
N GLY A 62 -18.37 -3.70 -2.79
CA GLY A 62 -18.91 -4.89 -2.14
C GLY A 62 -18.78 -5.04 -0.64
N ILE A 63 -18.31 -4.00 0.05
CA ILE A 63 -18.16 -4.09 1.48
C ILE A 63 -18.63 -2.85 2.24
N GLU A 64 -19.50 -3.06 3.23
CA GLU A 64 -19.99 -1.98 4.07
C GLU A 64 -19.32 -2.24 5.42
N LEU A 65 -18.32 -1.44 5.73
CA LEU A 65 -17.55 -1.60 6.97
C LEU A 65 -18.38 -1.73 8.23
N LYS A 66 -17.93 -2.61 9.12
CA LYS A 66 -18.62 -2.81 10.39
C LYS A 66 -18.12 -1.79 11.41
N LYS A 67 -18.98 -1.47 12.37
CA LYS A 67 -18.67 -0.48 13.40
C LYS A 67 -17.24 -0.62 13.96
N GLU A 68 -16.83 -1.84 14.27
CA GLU A 68 -15.50 -2.07 14.83
C GLU A 68 -14.42 -1.46 13.94
N ASP A 69 -14.49 -1.73 12.64
CA ASP A 69 -13.52 -1.18 11.70
C ASP A 69 -13.63 0.34 11.65
N VAL A 70 -14.85 0.86 11.57
CA VAL A 70 -15.08 2.30 11.50
C VAL A 70 -14.33 3.03 12.61
N ASP A 71 -14.49 2.57 13.85
CA ASP A 71 -13.84 3.19 14.99
C ASP A 71 -12.32 3.01 14.98
N LYS A 72 -11.84 1.92 14.40
CA LYS A 72 -10.40 1.68 14.32
C LYS A 72 -9.80 2.74 13.43
N ILE A 73 -10.42 2.93 12.26
CA ILE A 73 -9.95 3.91 11.28
C ILE A 73 -9.74 5.29 11.89
N SER A 74 -10.70 5.74 12.70
CA SER A 74 -10.61 7.06 13.34
C SER A 74 -9.32 7.29 14.11
N LEU A 75 -8.82 6.26 14.78
CA LEU A 75 -7.58 6.41 15.53
C LEU A 75 -6.46 6.75 14.56
N ILE A 76 -6.53 6.17 13.36
CA ILE A 76 -5.52 6.40 12.35
C ILE A 76 -5.72 7.76 11.69
N SER A 77 -6.98 8.07 11.37
CA SER A 77 -7.33 9.32 10.70
C SER A 77 -8.67 9.79 11.27
N PRO A 78 -8.64 10.62 12.33
CA PRO A 78 -9.78 11.19 13.05
C PRO A 78 -10.89 11.90 12.26
N ASP A 79 -10.55 12.53 11.14
CA ASP A 79 -11.54 13.27 10.36
C ASP A 79 -12.14 12.54 9.15
N VAL A 80 -12.08 11.22 9.14
CA VAL A 80 -12.62 10.46 8.02
C VAL A 80 -14.13 10.53 7.91
N THR A 81 -14.62 10.36 6.69
CA THR A 81 -16.04 10.34 6.44
C THR A 81 -16.32 8.98 5.81
N ILE A 82 -17.16 8.19 6.45
CA ILE A 82 -17.50 6.88 5.93
C ILE A 82 -18.76 7.02 5.07
N ASN A 83 -18.61 6.81 3.77
CA ASN A 83 -19.75 6.93 2.87
C ASN A 83 -20.26 5.56 2.42
N ILE A 84 -21.51 5.26 2.75
CA ILE A 84 -22.12 3.99 2.36
C ILE A 84 -22.73 4.16 0.99
N ILE A 85 -22.32 3.31 0.05
CA ILE A 85 -22.81 3.40 -1.32
C ILE A 85 -23.74 2.26 -1.68
N ARG A 86 -24.87 2.60 -2.29
CA ARG A 86 -25.84 1.62 -2.73
C ARG A 86 -26.45 2.11 -4.03
N ASN A 87 -26.48 1.23 -5.04
CA ASN A 87 -27.04 1.61 -6.33
C ASN A 87 -26.26 2.80 -6.86
N GLY A 88 -24.97 2.84 -6.55
CA GLY A 88 -24.12 3.92 -7.01
C GLY A 88 -24.29 5.24 -6.29
N LYS A 89 -25.11 5.27 -5.25
CA LYS A 89 -25.33 6.52 -4.54
C LYS A 89 -24.97 6.49 -3.05
N VAL A 90 -24.45 7.62 -2.57
CA VAL A 90 -24.10 7.76 -1.16
C VAL A 90 -25.43 7.85 -0.42
N VAL A 91 -25.78 6.80 0.32
CA VAL A 91 -27.05 6.78 1.04
C VAL A 91 -26.89 7.16 2.50
N GLU A 92 -25.65 7.23 2.97
CA GLU A 92 -25.40 7.57 4.36
C GLU A 92 -23.95 8.01 4.56
N LYS A 93 -23.78 9.03 5.39
CA LYS A 93 -22.48 9.59 5.68
C LYS A 93 -22.20 9.42 7.17
N LEU A 94 -21.25 8.56 7.51
CA LEU A 94 -20.90 8.26 8.89
C LEU A 94 -19.64 8.95 9.40
N LYS A 95 -19.65 9.22 10.70
CA LYS A 95 -18.50 9.84 11.36
C LYS A 95 -18.04 8.88 12.45
N PRO A 96 -16.72 8.68 12.56
CA PRO A 96 -16.21 7.77 13.58
C PRO A 96 -16.41 8.22 15.03
N GLN A 97 -16.48 7.25 15.93
CA GLN A 97 -16.61 7.54 17.35
C GLN A 97 -15.26 7.18 17.94
N ILE A 98 -14.58 8.17 18.50
CA ILE A 98 -13.27 7.92 19.10
C ILE A 98 -13.47 7.47 20.54
N PRO A 99 -13.00 6.25 20.87
CA PRO A 99 -13.12 5.69 22.23
C PRO A 99 -12.32 6.51 23.24
N ASP A 100 -12.53 6.24 24.52
CA ASP A 100 -11.82 6.95 25.58
C ASP A 100 -10.66 6.09 26.05
N GLU A 101 -10.83 4.77 25.93
CA GLU A 101 -9.81 3.82 26.35
C GLU A 101 -9.58 2.81 25.23
N ILE A 102 -8.43 2.14 25.28
CA ILE A 102 -8.09 1.12 24.30
C ILE A 102 -7.30 0.01 24.97
N GLU A 103 -7.72 -1.24 24.73
CA GLU A 103 -7.05 -2.41 25.29
C GLU A 103 -6.20 -3.02 24.19
N GLY A 104 -4.90 -3.17 24.46
CA GLY A 104 -4.01 -3.73 23.45
C GLY A 104 -4.29 -3.03 22.15
N THR A 105 -4.50 -3.80 21.09
CA THR A 105 -4.79 -3.24 19.77
C THR A 105 -3.62 -2.47 19.19
N LEU A 106 -3.23 -1.39 19.87
CA LEU A 106 -2.14 -0.55 19.41
C LEU A 106 -0.81 -0.88 20.06
N LYS A 107 0.26 -0.57 19.35
CA LYS A 107 1.61 -0.80 19.83
C LYS A 107 2.16 0.51 20.37
N CYS A 108 2.67 0.49 21.60
CA CYS A 108 3.24 1.69 22.18
C CYS A 108 4.46 2.09 21.35
N THR A 109 4.57 3.37 21.01
CA THR A 109 5.69 3.84 20.20
C THR A 109 6.94 4.15 21.02
N ASN A 110 6.98 3.64 22.25
CA ASN A 110 8.13 3.86 23.11
C ASN A 110 8.90 2.55 23.24
N PRO A 111 10.01 2.41 22.48
CA PRO A 111 10.86 1.21 22.49
C PRO A 111 11.25 0.75 23.89
N ASN A 112 11.34 1.70 24.82
CA ASN A 112 11.72 1.37 26.18
C ASN A 112 10.56 0.97 27.10
N CYS A 113 9.34 1.00 26.58
CA CYS A 113 8.18 0.62 27.38
C CYS A 113 8.24 -0.86 27.69
N ILE A 114 7.74 -1.26 28.86
CA ILE A 114 7.75 -2.67 29.24
C ILE A 114 7.00 -3.51 28.21
N THR A 115 5.96 -2.93 27.60
CA THR A 115 5.16 -3.64 26.62
C THR A 115 5.94 -4.00 25.36
N ASN A 116 7.11 -3.39 25.19
CA ASN A 116 7.95 -3.66 24.03
C ASN A 116 9.21 -4.42 24.42
N LYS A 117 9.25 -4.93 25.65
CA LYS A 117 10.43 -5.68 26.11
C LYS A 117 10.00 -6.99 26.73
N GLU A 118 8.75 -7.03 27.18
CA GLU A 118 8.16 -8.21 27.77
C GLU A 118 6.78 -8.36 27.13
N LYS A 119 6.15 -9.52 27.30
CA LYS A 119 4.83 -9.73 26.73
C LYS A 119 3.76 -9.20 27.66
N VAL A 120 3.51 -7.88 27.57
CA VAL A 120 2.49 -7.25 28.40
C VAL A 120 1.40 -6.67 27.51
N ARG A 121 0.14 -6.89 27.89
CA ARG A 121 -0.99 -6.39 27.10
C ARG A 121 -1.07 -4.86 27.17
N GLY A 122 -0.99 -4.23 26.00
CA GLY A 122 -1.06 -2.78 25.93
C GLY A 122 -2.34 -2.21 26.53
N LYS A 123 -2.27 -0.96 26.94
CA LYS A 123 -3.42 -0.27 27.51
C LYS A 123 -3.19 1.22 27.33
N PHE A 124 -4.12 1.89 26.68
CA PHE A 124 -3.96 3.31 26.42
C PHE A 124 -5.19 4.12 26.82
N LYS A 125 -4.97 5.39 27.10
CA LYS A 125 -6.03 6.30 27.48
C LYS A 125 -6.03 7.45 26.46
N ILE A 126 -7.22 7.78 25.95
CA ILE A 126 -7.36 8.87 24.99
C ILE A 126 -7.56 10.13 25.81
N GLU A 127 -6.52 10.95 25.94
CA GLU A 127 -6.63 12.17 26.75
C GLU A 127 -7.15 13.37 25.97
N SER A 128 -7.17 13.25 24.64
CA SER A 128 -7.65 14.32 23.79
C SER A 128 -7.96 13.76 22.41
N LYS A 129 -9.12 14.15 21.86
CA LYS A 129 -9.53 13.69 20.55
C LYS A 129 -9.29 14.76 19.49
N ASN A 130 -9.19 16.00 19.95
CA ASN A 130 -8.94 17.11 19.05
C ASN A 130 -7.97 18.08 19.74
N PRO A 131 -6.67 17.91 19.48
CA PRO A 131 -6.08 16.88 18.62
C PRO A 131 -6.05 15.52 19.32
N LEU A 132 -5.88 14.46 18.54
CA LEU A 132 -5.84 13.11 19.08
C LEU A 132 -4.57 12.80 19.86
N LYS A 133 -4.72 12.56 21.16
CA LYS A 133 -3.59 12.27 22.05
C LYS A 133 -3.87 10.97 22.82
N ILE A 134 -3.08 9.95 22.53
CA ILE A 134 -3.23 8.65 23.16
C ILE A 134 -2.03 8.33 24.04
N ARG A 135 -2.29 8.22 25.34
CA ARG A 135 -1.26 7.96 26.34
C ARG A 135 -1.18 6.49 26.79
N CYS A 136 0.03 5.93 26.78
CA CYS A 136 0.22 4.56 27.25
C CYS A 136 0.16 4.57 28.78
N TYR A 137 -0.62 3.65 29.34
CA TYR A 137 -0.76 3.57 30.80
C TYR A 137 0.52 3.13 31.51
N TYR A 138 1.34 2.33 30.83
CA TYR A 138 2.56 1.83 31.44
C TYR A 138 3.71 2.84 31.51
N CYS A 139 4.09 3.38 30.37
CA CYS A 139 5.20 4.32 30.34
C CYS A 139 4.78 5.80 30.36
N GLU A 140 3.49 6.06 30.28
CA GLU A 140 2.97 7.42 30.32
C GLU A 140 3.28 8.29 29.10
N LYS A 141 3.93 7.73 28.09
CA LYS A 141 4.26 8.49 26.89
C LYS A 141 3.14 8.48 25.84
N PHE A 142 3.02 9.58 25.09
CA PHE A 142 1.99 9.69 24.05
C PHE A 142 2.48 9.03 22.76
N LEU A 143 1.60 8.28 22.12
CA LEU A 143 1.97 7.62 20.87
C LEU A 143 2.39 8.69 19.87
N ASN A 144 3.37 8.36 19.03
CA ASN A 144 3.82 9.31 18.01
C ASN A 144 3.28 8.79 16.68
N GLU A 145 2.50 7.72 16.76
CA GLU A 145 1.91 7.10 15.58
C GLU A 145 0.99 5.96 16.00
N VAL A 146 -0.09 5.77 15.24
CA VAL A 146 -1.05 4.73 15.51
C VAL A 146 -0.65 3.43 14.82
N ILE A 147 -0.21 2.45 15.59
CA ILE A 147 0.21 1.17 15.04
C ILE A 147 -0.56 0.00 15.67
N PHE A 148 -1.21 -0.79 14.82
CA PHE A 148 -1.99 -1.94 15.27
C PHE A 148 -1.11 -3.20 15.35
N LYS B 8 -14.37 12.56 -14.81
CA LYS B 8 -14.75 12.13 -13.44
C LYS B 8 -13.62 12.29 -12.43
N VAL B 9 -12.38 12.18 -12.89
CA VAL B 9 -11.23 12.31 -11.99
C VAL B 9 -10.07 13.06 -12.62
N LYS B 10 -9.19 13.59 -11.77
CA LYS B 10 -8.02 14.33 -12.22
C LYS B 10 -7.09 13.45 -13.06
N LYS B 11 -6.93 13.83 -14.31
CA LYS B 11 -6.08 13.11 -15.24
C LYS B 11 -4.63 13.53 -15.01
N ILE B 12 -3.72 12.56 -14.97
CA ILE B 12 -2.30 12.84 -14.77
C ILE B 12 -1.74 13.74 -15.88
N THR B 13 -0.93 14.71 -15.49
CA THR B 13 -0.33 15.61 -16.46
C THR B 13 1.05 15.09 -16.82
N ASN B 14 1.85 14.81 -15.80
CA ASN B 14 3.19 14.29 -16.02
C ASN B 14 3.40 13.17 -15.00
N GLY B 15 3.84 12.02 -15.48
CA GLY B 15 4.07 10.90 -14.58
C GLY B 15 4.14 9.56 -15.29
N THR B 16 3.77 8.51 -14.57
CA THR B 16 3.80 7.17 -15.13
C THR B 16 2.56 6.38 -14.78
N VAL B 17 2.08 5.58 -15.73
CA VAL B 17 0.94 4.71 -15.50
C VAL B 17 1.43 3.29 -15.71
N ILE B 18 1.52 2.53 -14.61
CA ILE B 18 1.95 1.14 -14.68
C ILE B 18 0.67 0.34 -14.82
N ASP B 19 0.40 -0.08 -16.03
CA ASP B 19 -0.83 -0.79 -16.36
C ASP B 19 -0.66 -2.30 -16.54
N HIS B 20 -1.78 -3.01 -16.52
CA HIS B 20 -1.79 -4.45 -16.71
C HIS B 20 -0.99 -5.22 -15.68
N ILE B 21 -1.00 -4.75 -14.43
CA ILE B 21 -0.30 -5.43 -13.36
C ILE B 21 -1.20 -6.60 -12.99
N ASP B 22 -0.63 -7.75 -12.67
CA ASP B 22 -1.47 -8.89 -12.31
C ASP B 22 -2.35 -8.50 -11.13
N ALA B 23 -3.61 -8.90 -11.19
CA ALA B 23 -4.56 -8.58 -10.15
C ALA B 23 -4.02 -8.90 -8.76
N GLY B 24 -4.13 -7.94 -7.85
CA GLY B 24 -3.68 -8.12 -6.50
C GLY B 24 -2.21 -7.89 -6.22
N LYS B 25 -1.45 -7.47 -7.23
CA LYS B 25 -0.02 -7.25 -7.02
C LYS B 25 0.46 -5.81 -7.03
N ALA B 26 -0.45 -4.87 -7.27
CA ALA B 26 -0.09 -3.46 -7.31
C ALA B 26 0.59 -2.98 -6.02
N LEU B 27 0.05 -3.38 -4.88
CA LEU B 27 0.61 -2.97 -3.60
C LEU B 27 2.04 -3.44 -3.43
N MET B 28 2.32 -4.65 -3.91
CA MET B 28 3.66 -5.21 -3.85
C MET B 28 4.58 -4.36 -4.73
N VAL B 29 4.14 -4.08 -5.95
CA VAL B 29 4.90 -3.26 -6.88
C VAL B 29 5.15 -1.88 -6.28
N PHE B 30 4.10 -1.25 -5.78
CA PHE B 30 4.24 0.08 -5.19
C PHE B 30 5.25 0.09 -4.05
N LYS B 31 5.18 -0.93 -3.20
CA LYS B 31 6.12 -0.99 -2.08
C LYS B 31 7.55 -1.07 -2.57
N VAL B 32 7.79 -1.92 -3.57
CA VAL B 32 9.13 -2.10 -4.13
C VAL B 32 9.67 -0.83 -4.77
N LEU B 33 8.79 -0.04 -5.37
CA LEU B 33 9.20 1.21 -6.00
C LEU B 33 9.64 2.23 -4.95
N ASN B 34 9.02 2.18 -3.78
CA ASN B 34 9.36 3.08 -2.68
C ASN B 34 9.49 4.54 -3.11
N VAL B 35 8.38 5.13 -3.55
CA VAL B 35 8.37 6.51 -3.99
C VAL B 35 8.36 7.47 -2.81
N PRO B 36 8.77 8.73 -3.04
CA PRO B 36 8.76 9.72 -1.97
C PRO B 36 7.38 9.81 -1.33
N LYS B 37 7.35 9.98 -0.02
CA LYS B 37 6.11 10.05 0.75
C LYS B 37 5.00 11.01 0.28
N GLU B 38 5.38 12.15 -0.27
CA GLU B 38 4.38 13.12 -0.71
C GLU B 38 3.89 12.93 -2.14
N THR B 39 4.33 11.84 -2.78
CA THR B 39 3.93 11.57 -4.15
C THR B 39 2.43 11.28 -4.26
N SER B 40 1.79 11.86 -5.27
CA SER B 40 0.36 11.64 -5.48
C SER B 40 0.25 10.37 -6.32
N VAL B 41 -0.58 9.44 -5.86
CA VAL B 41 -0.74 8.16 -6.53
C VAL B 41 -2.19 7.66 -6.55
N MET B 42 -2.52 6.87 -7.56
CA MET B 42 -3.85 6.28 -7.66
C MET B 42 -3.61 4.79 -7.88
N ILE B 43 -4.19 3.98 -7.01
CA ILE B 43 -4.02 2.55 -7.10
C ILE B 43 -5.35 1.83 -7.34
N ALA B 44 -5.47 1.16 -8.47
CA ALA B 44 -6.67 0.40 -8.82
C ALA B 44 -6.35 -1.07 -8.59
N ILE B 45 -7.19 -1.74 -7.81
CA ILE B 45 -6.99 -3.14 -7.47
C ILE B 45 -8.17 -4.02 -7.88
N ASN B 46 -7.88 -5.08 -8.61
CA ASN B 46 -8.89 -6.03 -9.08
C ASN B 46 -9.97 -5.34 -9.91
N VAL B 47 -9.55 -4.50 -10.84
CA VAL B 47 -10.49 -3.81 -11.70
C VAL B 47 -10.55 -4.51 -13.04
N PRO B 48 -11.65 -4.30 -13.80
CA PRO B 48 -11.87 -4.91 -15.11
C PRO B 48 -10.73 -4.75 -16.11
N SER B 49 -10.52 -5.80 -16.90
CA SER B 49 -9.50 -5.82 -17.94
C SER B 49 -9.97 -6.74 -19.05
N LYS B 50 -10.06 -6.22 -20.27
CA LYS B 50 -10.50 -7.04 -21.39
C LYS B 50 -9.42 -8.06 -21.71
N LYS B 51 -8.17 -7.65 -21.51
CA LYS B 51 -7.03 -8.50 -21.78
C LYS B 51 -6.75 -9.54 -20.69
N LYS B 52 -6.87 -9.13 -19.44
CA LYS B 52 -6.58 -10.01 -18.31
C LYS B 52 -7.79 -10.45 -17.49
N GLY B 53 -8.95 -9.87 -17.76
CA GLY B 53 -10.14 -10.21 -16.98
C GLY B 53 -10.20 -9.24 -15.82
N LYS B 54 -9.18 -9.26 -14.98
CA LYS B 54 -9.06 -8.37 -13.85
C LYS B 54 -7.59 -8.02 -13.79
N LYS B 55 -7.29 -6.85 -13.24
CA LYS B 55 -5.91 -6.40 -13.15
C LYS B 55 -5.81 -5.30 -12.11
N ASP B 56 -4.58 -4.84 -11.91
CA ASP B 56 -4.28 -3.76 -10.99
C ASP B 56 -3.62 -2.67 -11.85
N ILE B 57 -3.69 -1.43 -11.39
CA ILE B 57 -3.08 -0.30 -12.09
C ILE B 57 -2.42 0.60 -11.05
N LEU B 58 -1.29 1.19 -11.42
CA LEU B 58 -0.57 2.12 -10.55
C LEU B 58 -0.30 3.39 -11.35
N LYS B 59 -0.90 4.49 -10.92
CA LYS B 59 -0.71 5.76 -11.61
C LYS B 59 0.08 6.68 -10.68
N ILE B 60 1.30 7.01 -11.09
CA ILE B 60 2.21 7.85 -10.30
C ILE B 60 2.47 9.21 -10.95
N GLU B 61 2.04 10.27 -10.26
CA GLU B 61 2.22 11.63 -10.77
C GLU B 61 3.60 12.20 -10.45
N GLY B 62 4.19 12.90 -11.42
CA GLY B 62 5.49 13.53 -11.22
C GLY B 62 6.74 12.68 -11.22
N ILE B 63 6.61 11.39 -11.53
CA ILE B 63 7.79 10.53 -11.54
C ILE B 63 7.93 9.69 -12.80
N GLU B 64 9.15 9.63 -13.31
CA GLU B 64 9.49 8.83 -14.48
C GLU B 64 10.49 7.81 -13.93
N LEU B 65 10.00 6.59 -13.72
CA LEU B 65 10.83 5.51 -13.17
C LEU B 65 12.14 5.29 -13.90
N LYS B 66 13.19 5.06 -13.12
CA LYS B 66 14.52 4.80 -13.68
C LYS B 66 14.57 3.32 -14.10
N LYS B 67 15.43 2.99 -15.04
CA LYS B 67 15.54 1.61 -15.54
C LYS B 67 15.56 0.55 -14.44
N GLU B 68 16.36 0.78 -13.39
CA GLU B 68 16.44 -0.20 -12.31
C GLU B 68 15.10 -0.49 -11.65
N ASP B 69 14.31 0.56 -11.39
CA ASP B 69 13.00 0.36 -10.77
C ASP B 69 12.06 -0.31 -11.75
N VAL B 70 12.12 0.13 -13.01
CA VAL B 70 11.27 -0.41 -14.06
C VAL B 70 11.45 -1.93 -14.13
N ASP B 71 12.71 -2.35 -14.27
CA ASP B 71 13.03 -3.77 -14.37
C ASP B 71 12.71 -4.59 -13.13
N LYS B 72 12.74 -3.99 -11.95
CA LYS B 72 12.42 -4.74 -10.73
C LYS B 72 10.99 -5.29 -10.85
N ILE B 73 10.13 -4.49 -11.47
CA ILE B 73 8.73 -4.86 -11.66
C ILE B 73 8.59 -6.20 -12.40
N SER B 74 9.49 -6.46 -13.33
CA SER B 74 9.46 -7.70 -14.11
C SER B 74 9.55 -8.95 -13.24
N LEU B 75 10.10 -8.78 -12.03
CA LEU B 75 10.25 -9.90 -11.08
C LEU B 75 8.97 -10.12 -10.29
N ILE B 76 8.02 -9.20 -10.44
CA ILE B 76 6.75 -9.26 -9.73
C ILE B 76 5.57 -9.54 -10.65
N SER B 77 5.48 -8.76 -11.72
CA SER B 77 4.40 -8.90 -12.69
C SER B 77 5.08 -8.77 -14.06
N PRO B 78 5.29 -9.91 -14.74
CA PRO B 78 5.93 -10.01 -16.06
C PRO B 78 5.26 -9.43 -17.31
N ASP B 79 4.04 -8.93 -17.19
CA ASP B 79 3.38 -8.40 -18.40
C ASP B 79 2.82 -6.98 -18.27
N VAL B 80 3.45 -6.14 -17.45
CA VAL B 80 2.94 -4.79 -17.29
C VAL B 80 3.35 -3.89 -18.46
N THR B 81 2.61 -2.80 -18.60
CA THR B 81 2.92 -1.83 -19.63
C THR B 81 3.25 -0.55 -18.88
N ILE B 82 4.43 0.00 -19.15
CA ILE B 82 4.84 1.24 -18.51
C ILE B 82 4.47 2.36 -19.47
N ASN B 83 3.54 3.21 -19.04
CA ASN B 83 3.10 4.32 -19.87
C ASN B 83 3.69 5.64 -19.39
N ILE B 84 4.51 6.26 -20.24
CA ILE B 84 5.12 7.54 -19.92
C ILE B 84 4.11 8.64 -20.26
N ILE B 85 3.73 9.42 -19.25
CA ILE B 85 2.77 10.49 -19.45
C ILE B 85 3.42 11.88 -19.43
N ARG B 86 3.06 12.69 -20.41
CA ARG B 86 3.56 14.06 -20.53
C ARG B 86 2.47 14.88 -21.21
N ASN B 87 2.02 15.93 -20.53
CA ASN B 87 0.97 16.79 -21.04
C ASN B 87 -0.33 15.98 -21.09
N GLY B 88 -0.45 15.04 -20.16
CA GLY B 88 -1.64 14.21 -20.08
C GLY B 88 -1.78 13.21 -21.21
N LYS B 89 -0.72 13.04 -21.99
CA LYS B 89 -0.75 12.13 -23.11
C LYS B 89 0.27 11.00 -22.97
N VAL B 90 -0.12 9.79 -23.38
CA VAL B 90 0.78 8.65 -23.33
C VAL B 90 1.73 8.85 -24.50
N VAL B 91 2.98 9.17 -24.20
CA VAL B 91 3.96 9.39 -25.26
C VAL B 91 4.87 8.21 -25.51
N GLU B 92 4.76 7.19 -24.67
CA GLU B 92 5.61 6.01 -24.80
C GLU B 92 5.15 4.83 -23.94
N LYS B 93 5.26 3.62 -24.50
CA LYS B 93 4.89 2.40 -23.79
C LYS B 93 6.13 1.53 -23.71
N LEU B 94 6.52 1.16 -22.50
CA LEU B 94 7.70 0.33 -22.30
C LEU B 94 7.29 -0.96 -21.63
N LYS B 95 8.13 -1.96 -21.78
CA LYS B 95 7.92 -3.27 -21.16
C LYS B 95 9.11 -3.50 -20.22
N PRO B 96 8.84 -3.91 -18.97
CA PRO B 96 9.97 -4.14 -18.07
C PRO B 96 10.88 -5.26 -18.59
N GLN B 97 12.17 -5.13 -18.35
CA GLN B 97 13.13 -6.15 -18.78
C GLN B 97 13.55 -7.00 -17.60
N ILE B 98 13.57 -8.32 -17.78
CA ILE B 98 14.03 -9.19 -16.71
C ILE B 98 15.55 -9.13 -16.79
N PRO B 99 16.21 -8.67 -15.73
CA PRO B 99 17.68 -8.57 -15.76
C PRO B 99 18.41 -9.92 -15.82
N ASP B 100 19.65 -9.91 -16.29
CA ASP B 100 20.44 -11.13 -16.36
C ASP B 100 20.97 -11.43 -14.98
N GLU B 101 21.41 -10.37 -14.28
CA GLU B 101 21.95 -10.51 -12.94
C GLU B 101 21.36 -9.45 -12.01
N ILE B 102 21.46 -9.69 -10.71
CA ILE B 102 20.92 -8.77 -9.71
C ILE B 102 21.87 -8.63 -8.52
N GLU B 103 22.13 -7.39 -8.12
CA GLU B 103 22.98 -7.08 -6.98
C GLU B 103 22.09 -6.78 -5.78
N GLY B 104 22.38 -7.41 -4.64
CA GLY B 104 21.56 -7.19 -3.46
C GLY B 104 20.11 -7.34 -3.87
N THR B 105 19.27 -6.39 -3.47
CA THR B 105 17.85 -6.39 -3.87
C THR B 105 16.98 -7.51 -3.30
N LEU B 106 17.35 -8.75 -3.60
CA LEU B 106 16.57 -9.89 -3.16
C LEU B 106 17.21 -10.64 -2.01
N LYS B 107 16.41 -11.47 -1.36
CA LYS B 107 16.86 -12.29 -0.24
C LYS B 107 17.05 -13.72 -0.72
N CYS B 108 18.20 -14.31 -0.43
CA CYS B 108 18.43 -15.69 -0.81
C CYS B 108 17.53 -16.52 0.08
N THR B 109 16.76 -17.43 -0.50
CA THR B 109 15.84 -18.28 0.25
C THR B 109 16.48 -19.52 0.91
N ASN B 110 17.81 -19.59 0.88
CA ASN B 110 18.52 -20.69 1.52
C ASN B 110 18.99 -20.14 2.87
N PRO B 111 18.35 -20.58 3.97
CA PRO B 111 18.65 -20.16 5.33
C PRO B 111 20.13 -20.27 5.71
N ASN B 112 20.81 -21.25 5.13
CA ASN B 112 22.21 -21.47 5.45
C ASN B 112 23.21 -20.84 4.51
N CYS B 113 22.72 -20.02 3.58
CA CYS B 113 23.61 -19.37 2.63
C CYS B 113 24.52 -18.39 3.37
N ILE B 114 25.74 -18.26 2.90
CA ILE B 114 26.68 -17.34 3.52
C ILE B 114 26.11 -15.93 3.57
N THR B 115 25.22 -15.59 2.62
CA THR B 115 24.64 -14.25 2.60
C THR B 115 23.61 -14.04 3.72
N ASN B 116 23.20 -15.13 4.36
CA ASN B 116 22.24 -15.03 5.45
C ASN B 116 22.89 -15.34 6.80
N LYS B 117 24.16 -15.74 6.77
CA LYS B 117 24.86 -16.06 8.01
C LYS B 117 25.94 -15.01 8.27
N GLU B 118 26.49 -14.46 7.20
CA GLU B 118 27.55 -13.46 7.30
C GLU B 118 27.15 -12.15 6.63
N LYS B 119 28.11 -11.23 6.55
CA LYS B 119 27.89 -9.93 5.96
C LYS B 119 28.29 -9.90 4.48
N VAL B 120 27.67 -10.76 3.69
CA VAL B 120 27.96 -10.82 2.26
C VAL B 120 26.72 -10.42 1.46
N ARG B 121 26.82 -9.30 0.74
CA ARG B 121 25.69 -8.82 -0.05
C ARG B 121 25.24 -9.84 -1.10
N GLY B 122 23.93 -9.97 -1.26
CA GLY B 122 23.38 -10.91 -2.21
C GLY B 122 23.80 -10.65 -3.65
N LYS B 123 23.82 -11.73 -4.42
CA LYS B 123 24.18 -11.66 -5.83
C LYS B 123 23.40 -12.79 -6.47
N PHE B 124 22.68 -12.48 -7.55
CA PHE B 124 21.88 -13.50 -8.20
C PHE B 124 22.02 -13.47 -9.71
N LYS B 125 21.60 -14.57 -10.34
CA LYS B 125 21.67 -14.69 -11.79
C LYS B 125 20.38 -15.35 -12.29
N ILE B 126 19.76 -14.71 -13.28
CA ILE B 126 18.52 -15.25 -13.86
C ILE B 126 18.90 -16.27 -14.91
N GLU B 127 18.46 -17.52 -14.72
CA GLU B 127 18.79 -18.56 -15.66
C GLU B 127 17.65 -18.94 -16.60
N SER B 128 16.48 -18.42 -16.32
CA SER B 128 15.30 -18.65 -17.15
C SER B 128 14.32 -17.51 -16.93
N LYS B 129 13.71 -17.03 -18.01
CA LYS B 129 12.77 -15.92 -17.90
C LYS B 129 11.33 -16.37 -17.77
N ASN B 130 10.97 -17.44 -18.48
CA ASN B 130 9.61 -17.97 -18.44
C ASN B 130 9.64 -19.50 -18.50
N PRO B 131 9.50 -20.16 -17.34
CA PRO B 131 9.31 -19.54 -16.03
C PRO B 131 10.55 -18.85 -15.51
N LEU B 132 10.35 -17.89 -14.60
CA LEU B 132 11.45 -17.15 -13.99
C LEU B 132 12.20 -18.05 -13.00
N LYS B 133 13.49 -18.23 -13.22
CA LYS B 133 14.34 -19.04 -12.35
C LYS B 133 15.55 -18.20 -11.96
N ILE B 134 15.69 -17.93 -10.67
CA ILE B 134 16.78 -17.10 -10.18
C ILE B 134 17.69 -17.91 -9.26
N ARG B 135 18.97 -17.96 -9.59
CA ARG B 135 19.92 -18.72 -8.79
C ARG B 135 20.82 -17.79 -7.97
N CYS B 136 21.02 -18.15 -6.70
CA CYS B 136 21.90 -17.36 -5.85
C CYS B 136 23.31 -17.64 -6.35
N TYR B 137 24.11 -16.59 -6.47
CA TYR B 137 25.48 -16.71 -6.97
C TYR B 137 26.39 -17.51 -6.02
N TYR B 138 26.17 -17.33 -4.73
CA TYR B 138 27.00 -17.97 -3.70
C TYR B 138 26.68 -19.41 -3.33
N CYS B 139 25.43 -19.71 -2.97
CA CYS B 139 25.09 -21.09 -2.62
C CYS B 139 24.63 -21.82 -3.87
N GLU B 140 24.38 -21.07 -4.94
CA GLU B 140 23.94 -21.62 -6.21
C GLU B 140 22.62 -22.40 -6.15
N LYS B 141 21.79 -22.07 -5.17
CA LYS B 141 20.48 -22.70 -5.03
C LYS B 141 19.45 -21.76 -5.68
N PHE B 142 18.42 -22.32 -6.31
CA PHE B 142 17.38 -21.49 -6.93
C PHE B 142 16.50 -20.93 -5.83
N LEU B 143 16.03 -19.71 -6.01
CA LEU B 143 15.15 -19.09 -5.03
C LEU B 143 13.81 -19.82 -5.15
N ASN B 144 13.11 -20.01 -4.04
CA ASN B 144 11.83 -20.68 -4.09
C ASN B 144 10.76 -19.61 -3.97
N GLU B 145 11.20 -18.35 -3.95
CA GLU B 145 10.30 -17.21 -3.82
C GLU B 145 11.07 -15.93 -4.07
N VAL B 146 10.37 -14.90 -4.57
CA VAL B 146 10.98 -13.61 -4.83
C VAL B 146 10.71 -12.71 -3.63
N ILE B 147 11.76 -12.36 -2.91
CA ILE B 147 11.62 -11.52 -1.73
C ILE B 147 12.55 -10.32 -1.78
N PHE B 148 11.95 -9.13 -1.79
CA PHE B 148 12.72 -7.89 -1.83
C PHE B 148 13.12 -7.49 -0.42
N GLU B 149 14.41 -7.28 -0.22
CA GLU B 149 14.94 -6.89 1.08
C GLU B 149 14.75 -5.39 1.29
#